data_4QEN
#
_entry.id   4QEN
#
_cell.length_a   54.395
_cell.length_b   98.009
_cell.length_c   122.581
_cell.angle_alpha   90.00
_cell.angle_beta   90.00
_cell.angle_gamma   90.00
#
_symmetry.space_group_name_H-M   'P 21 21 21'
#
loop_
_entity.id
_entity.type
_entity.pdbx_description
1 polymer 'Histone-lysine N-methyltransferase, H3 lysine-9 specific SUVH4'
2 polymer "DNA (5'-D(*GP*GP*TP*AP*CP*TP*(5CM)P*AP*TP*CP*AP*GP*TP*AP*T)-3')"
3 polymer "DNA (5'-D(*AP*CP*TP*GP*AP*TP*GP*AP*GP*TP*AP*CP*CP*AP*T)-3')"
4 non-polymer S-ADENOSYL-L-HOMOCYSTEINE
5 non-polymer 'ZINC ION'
6 water water
#
loop_
_entity_poly.entity_id
_entity_poly.type
_entity_poly.pdbx_seq_one_letter_code
_entity_poly.pdbx_strand_id
1 'polypeptide(L)'
;SNGKDVNLEPHLKVTKCLRLFNKQYLLCVQAKLSRPDLKGVTEMIKAKAILYPRKIIGDLPGIDVGHRFFSRAEMCAVGF
HNHWLNGIDYMSMEYEKEYSNYKLPLAVSIVMSGQYEDDLDNADTVTYTGQGGHNLTGNKRQIKDQLLERGNLALKHCCE
YNVPVRVTRGHNCKSSYTKRVYTYDGLYKVEKFWAQKGVSGFTVYKYRLKRLEGQPELTTDQVNFVAGRIPTSTSEIEGL
VCEDISGGLEFKGIPATNRVDDSPVSPTSGFTYIKSLIIEPNVIIPKSSTGCNCRGSCTDSKKCACAKLNGGNFPYVDLN
DGRLIESRDVVFECGPHCGCGPKCVNRTSQKRLRFNLEVFRSAKKGWAVRSWEYIPAGSPVCEYIGVVRRTADVDTISDN
EYIFEIDCQQTMQGLGGRQRRLRDVAVPMNNGVSQSSEDENAPEFCIDAGSTGNFARFINHSCEPNLFVQCVLSSHQDIR
LARVVLFAADNISPMQELTYDYGYALDSVHGPDGKVKQLACYCGALNCRKRLY
;
A
2 'polydeoxyribonucleotide' (DG)(DG)(DT)(DA)(DC)(DT)(5CM)(DA)(DT)(DC)(DA)(DG)(DT)(DA)(DT) C
3 'polydeoxyribonucleotide' (DA)(DC)(DT)(DG)(DA)(DT)(DG)(DA)(DG)(DT)(DA)(DC)(DC)(DA)(DT) D
#
# COMPACT_ATOMS: atom_id res chain seq x y z
N LEU A 8 18.38 4.50 -5.68
CA LEU A 8 19.07 5.74 -5.35
C LEU A 8 18.17 6.69 -4.56
N GLU A 9 17.14 7.15 -5.25
CA GLU A 9 16.26 8.20 -4.75
C GLU A 9 15.52 7.72 -3.49
N PRO A 10 15.49 8.57 -2.44
CA PRO A 10 15.04 8.16 -1.12
C PRO A 10 13.58 7.69 -1.06
N HIS A 11 12.69 8.27 -1.87
CA HIS A 11 11.30 7.82 -1.84
C HIS A 11 11.20 6.38 -2.32
N LEU A 12 12.03 6.06 -3.33
CA LEU A 12 12.09 4.70 -3.86
C LEU A 12 12.70 3.74 -2.84
N LYS A 13 13.73 4.18 -2.13
CA LYS A 13 14.31 3.37 -1.05
C LYS A 13 13.26 3.06 0.02
N VAL A 14 12.48 4.06 0.38
CA VAL A 14 11.42 3.87 1.37
C VAL A 14 10.42 2.85 0.84
N THR A 15 9.97 3.06 -0.39
CA THR A 15 9.05 2.11 -1.03
C THR A 15 9.57 0.68 -0.96
N LYS A 16 10.82 0.45 -1.37
CA LYS A 16 11.31 -0.93 -1.40
C LYS A 16 11.49 -1.53 -0.01
N CYS A 17 11.88 -0.71 0.97
CA CYS A 17 11.97 -1.17 2.35
C CYS A 17 10.58 -1.62 2.84
N LEU A 18 9.57 -0.81 2.56
CA LEU A 18 8.21 -1.14 2.98
C LEU A 18 7.66 -2.38 2.27
N ARG A 19 8.03 -2.57 1.01
CA ARG A 19 7.65 -3.79 0.29
C ARG A 19 8.32 -5.02 0.91
N LEU A 20 9.59 -4.88 1.27
CA LEU A 20 10.29 -5.98 1.88
C LEU A 20 9.66 -6.32 3.25
N PHE A 21 9.35 -5.29 4.04
CA PHE A 21 8.63 -5.52 5.30
C PHE A 21 7.31 -6.25 5.07
N ASN A 22 6.52 -5.79 4.10
CA ASN A 22 5.25 -6.44 3.77
C ASN A 22 5.41 -7.93 3.40
N LYS A 23 6.47 -8.23 2.65
CA LYS A 23 6.75 -9.62 2.33
C LYS A 23 7.01 -10.43 3.62
N GLN A 24 7.89 -9.90 4.50
CA GLN A 24 8.20 -10.63 5.73
C GLN A 24 6.95 -10.81 6.59
N TYR A 25 6.20 -9.73 6.71
CA TYR A 25 4.93 -9.73 7.43
C TYR A 25 4.01 -10.86 6.92
N LEU A 26 3.74 -10.90 5.62
CA LEU A 26 2.83 -11.91 5.08
C LEU A 26 3.38 -13.34 5.25
N LEU A 27 4.69 -13.50 5.14
CA LEU A 27 5.31 -14.81 5.39
C LEU A 27 5.09 -15.25 6.84
N CYS A 28 5.15 -14.31 7.78
CA CYS A 28 4.92 -14.62 9.18
C CYS A 28 3.44 -14.92 9.43
N VAL A 29 2.58 -14.23 8.70
CA VAL A 29 1.15 -14.52 8.79
C VAL A 29 0.86 -15.95 8.30
N GLN A 30 1.52 -16.32 7.21
CA GLN A 30 1.38 -17.67 6.68
C GLN A 30 1.91 -18.74 7.66
N ALA A 31 2.99 -18.42 8.35
CA ALA A 31 3.53 -19.34 9.35
C ALA A 31 2.67 -19.39 10.62
N LYS A 32 1.68 -18.50 10.69
CA LYS A 32 0.75 -18.41 11.81
C LYS A 32 1.50 -18.11 13.12
N LEU A 33 2.47 -17.22 13.03
CA LEU A 33 3.28 -16.82 14.18
C LEU A 33 2.52 -15.76 14.96
N SER A 34 2.76 -15.66 16.27
CA SER A 34 2.16 -14.61 17.08
C SER A 34 2.73 -13.26 16.67
N ARG A 35 1.84 -12.26 16.65
CA ARG A 35 2.19 -10.90 16.22
C ARG A 35 3.11 -10.88 15.00
N PRO A 36 2.60 -11.33 13.84
CA PRO A 36 3.46 -11.39 12.65
C PRO A 36 4.00 -10.02 12.22
N ASP A 37 3.36 -8.93 12.64
CA ASP A 37 3.89 -7.59 12.35
C ASP A 37 5.27 -7.37 13.02
N LEU A 38 5.33 -7.70 14.30
CA LEU A 38 6.57 -7.58 15.06
C LEU A 38 7.61 -8.58 14.55
N LYS A 39 7.14 -9.79 14.21
CA LYS A 39 8.05 -10.81 13.69
C LYS A 39 8.66 -10.35 12.37
N GLY A 40 7.86 -9.65 11.58
CA GLY A 40 8.32 -9.08 10.32
C GLY A 40 9.43 -8.09 10.58
N VAL A 41 9.25 -7.28 11.63
CA VAL A 41 10.34 -6.38 11.99
C VAL A 41 11.61 -7.12 12.41
N THR A 42 11.47 -8.19 13.21
CA THR A 42 12.64 -8.93 13.67
C THR A 42 13.40 -9.52 12.47
N GLU A 43 12.65 -9.98 11.47
CA GLU A 43 13.25 -10.47 10.23
C GLU A 43 14.00 -9.36 9.51
N MET A 44 13.40 -8.16 9.45
CA MET A 44 14.10 -7.02 8.86
C MET A 44 15.43 -6.71 9.58
N ILE A 45 15.41 -6.77 10.92
CA ILE A 45 16.63 -6.52 11.69
C ILE A 45 17.70 -7.57 11.40
N LYS A 46 17.30 -8.84 11.39
CA LYS A 46 18.22 -9.94 11.08
C LYS A 46 18.91 -9.74 9.73
N ALA A 47 18.14 -9.25 8.75
CA ALA A 47 18.63 -9.06 7.38
C ALA A 47 19.29 -7.69 7.14
N LYS A 48 19.51 -6.94 8.22
CA LYS A 48 20.11 -5.60 8.13
C LYS A 48 19.38 -4.71 7.11
N ALA A 49 18.05 -4.79 7.12
CA ALA A 49 17.25 -4.15 6.08
C ALA A 49 16.48 -2.93 6.60
N ILE A 50 16.72 -2.56 7.85
CA ILE A 50 16.12 -1.34 8.39
C ILE A 50 16.74 -0.16 7.65
N LEU A 51 15.91 0.65 6.98
CA LEU A 51 16.42 1.71 6.12
C LEU A 51 17.26 2.74 6.89
N TYR A 52 16.72 3.22 8.00
CA TYR A 52 17.42 4.22 8.80
C TYR A 52 17.73 3.63 10.17
N PRO A 53 18.85 2.92 10.29
CA PRO A 53 19.18 2.17 11.51
C PRO A 53 19.66 3.03 12.69
N ARG A 54 20.02 4.30 12.44
CA ARG A 54 20.37 5.21 13.54
C ARG A 54 19.33 6.33 13.63
N LYS A 55 19.22 6.92 14.82
CA LYS A 55 18.28 8.00 15.06
C LYS A 55 18.65 9.23 14.24
N ILE A 56 17.64 10.00 13.84
CA ILE A 56 17.85 11.20 13.03
C ILE A 56 16.93 12.30 13.54
N ILE A 57 17.49 13.50 13.69
CA ILE A 57 16.72 14.67 14.10
C ILE A 57 16.11 15.30 12.85
N GLY A 58 14.80 15.55 12.85
CA GLY A 58 14.18 16.24 11.72
C GLY A 58 13.58 15.28 10.73
N ASP A 59 13.52 15.68 9.46
CA ASP A 59 12.91 14.82 8.45
C ASP A 59 13.82 13.68 7.98
N LEU A 60 13.21 12.54 7.66
CA LEU A 60 13.92 11.42 7.05
C LEU A 60 13.67 11.50 5.56
N PRO A 61 14.74 11.47 4.75
CA PRO A 61 14.58 11.50 3.29
C PRO A 61 13.66 10.38 2.80
N GLY A 62 12.76 10.71 1.88
CA GLY A 62 11.83 9.72 1.35
C GLY A 62 10.55 9.61 2.15
N ILE A 63 10.56 10.21 3.35
CA ILE A 63 9.37 10.24 4.18
C ILE A 63 8.83 11.66 4.27
N ASP A 64 7.87 11.96 3.40
CA ASP A 64 7.29 13.32 3.32
C ASP A 64 6.31 13.55 4.45
N VAL A 65 6.13 14.82 4.82
CA VAL A 65 5.05 15.20 5.71
C VAL A 65 3.73 14.72 5.09
N GLY A 66 2.91 14.05 5.88
CA GLY A 66 1.67 13.47 5.41
C GLY A 66 1.81 11.97 5.11
N HIS A 67 3.02 11.43 5.23
CA HIS A 67 3.23 10.01 4.95
C HIS A 67 2.30 9.12 5.80
N ARG A 68 1.58 8.20 5.16
CA ARG A 68 0.71 7.30 5.92
C ARG A 68 1.34 5.93 6.18
N PHE A 69 1.52 5.61 7.47
CA PHE A 69 2.00 4.31 7.91
C PHE A 69 0.83 3.41 8.29
N PHE A 70 0.93 2.13 7.95
CA PHE A 70 -0.19 1.21 8.15
C PHE A 70 -0.10 0.37 9.43
N SER A 71 0.99 0.52 10.17
CA SER A 71 1.11 -0.12 11.47
C SER A 71 2.27 0.56 12.17
N ARG A 72 2.39 0.36 13.48
CA ARG A 72 3.56 0.87 14.21
C ARG A 72 4.82 0.11 13.72
N ALA A 73 4.60 -1.16 13.38
CA ALA A 73 5.67 -2.03 12.91
C ALA A 73 6.34 -1.48 11.66
N GLU A 74 5.55 -0.93 10.73
CA GLU A 74 6.08 -0.34 9.49
C GLU A 74 7.09 0.76 9.82
N MET A 75 6.71 1.57 10.81
CA MET A 75 7.56 2.66 11.25
C MET A 75 8.86 2.13 11.80
N CYS A 76 8.79 1.00 12.51
CA CYS A 76 10.03 0.34 12.93
C CYS A 76 10.87 -0.13 11.75
N ALA A 77 10.22 -0.74 10.75
CA ALA A 77 10.93 -1.32 9.61
C ALA A 77 11.75 -0.28 8.86
N VAL A 78 11.16 0.91 8.73
CA VAL A 78 11.84 2.02 8.04
C VAL A 78 12.91 2.73 8.91
N GLY A 79 12.74 2.65 10.22
CA GLY A 79 13.63 3.30 11.17
C GLY A 79 13.10 4.67 11.60
N PHE A 80 11.88 4.98 11.16
CA PHE A 80 11.19 6.23 11.46
C PHE A 80 10.85 6.36 12.95
N HIS A 81 10.41 5.26 13.56
CA HIS A 81 10.11 5.24 15.01
C HIS A 81 10.42 3.83 15.49
N ASN A 82 11.44 3.70 16.33
CA ASN A 82 12.07 2.40 16.52
C ASN A 82 11.45 1.42 17.54
N HIS A 83 10.60 1.94 18.40
CA HIS A 83 9.86 1.13 19.36
C HIS A 83 8.52 0.77 18.73
N TRP A 84 8.01 -0.45 18.95
CA TRP A 84 6.71 -0.79 18.37
C TRP A 84 5.56 -0.32 19.26
N LEU A 85 5.85 -0.09 20.54
CA LEU A 85 4.83 0.24 21.53
C LEU A 85 5.00 1.70 22.01
N ASN A 86 6.18 1.97 22.55
CA ASN A 86 6.58 3.23 23.19
C ASN A 86 6.22 4.48 22.37
N GLY A 87 5.60 5.45 23.03
CA GLY A 87 5.17 6.67 22.36
C GLY A 87 6.28 7.61 21.99
N ILE A 88 7.36 7.58 22.77
CA ILE A 88 8.47 8.51 22.61
C ILE A 88 9.74 7.77 22.20
N ASP A 89 10.28 8.13 21.05
CA ASP A 89 11.52 7.56 20.56
C ASP A 89 12.60 8.60 20.71
N TYR A 90 13.68 8.21 21.39
CA TYR A 90 14.77 9.13 21.68
C TYR A 90 16.17 8.56 21.52
N MET A 91 17.12 9.46 21.29
CA MET A 91 18.54 9.13 21.31
C MET A 91 18.99 8.82 22.73
N SER A 92 19.55 7.62 22.89
CA SER A 92 20.13 7.19 24.16
C SER A 92 21.47 7.88 24.40
N MET A 93 22.09 7.58 25.54
CA MET A 93 23.40 8.12 25.87
C MET A 93 24.50 7.61 24.93
N GLU A 94 24.19 6.61 24.12
CA GLU A 94 25.11 6.11 23.09
C GLU A 94 25.48 7.21 22.09
N TYR A 95 24.56 8.13 21.89
CA TYR A 95 24.71 9.21 20.91
C TYR A 95 25.43 10.43 21.48
N GLU A 96 25.94 10.35 22.70
CA GLU A 96 26.41 11.57 23.37
C GLU A 96 27.65 12.23 22.73
N LYS A 97 28.54 11.43 22.16
CA LYS A 97 29.72 11.98 21.49
C LYS A 97 29.38 12.52 20.09
N GLU A 98 28.48 11.86 19.38
CA GLU A 98 28.00 12.37 18.10
C GLU A 98 27.35 13.72 18.27
N TYR A 99 26.59 13.87 19.34
CA TYR A 99 25.93 15.14 19.61
C TYR A 99 26.40 15.76 20.91
N SER A 100 27.71 16.06 20.98
CA SER A 100 28.34 16.51 22.23
C SER A 100 27.89 17.87 22.78
N ASN A 101 27.19 18.67 21.96
CA ASN A 101 26.72 19.97 22.40
C ASN A 101 25.25 19.98 22.82
N TYR A 102 24.54 18.88 22.58
CA TYR A 102 23.21 18.70 23.14
C TYR A 102 23.36 17.89 24.43
N LYS A 103 22.33 17.92 25.27
CA LYS A 103 22.31 17.10 26.47
C LYS A 103 21.43 15.91 26.15
N LEU A 104 21.93 14.69 26.38
CA LEU A 104 21.15 13.50 26.10
C LEU A 104 20.52 12.94 27.38
N PRO A 105 19.43 12.17 27.27
CA PRO A 105 18.72 11.72 26.06
C PRO A 105 17.95 12.84 25.38
N LEU A 106 17.63 12.63 24.11
CA LEU A 106 17.06 13.68 23.27
C LEU A 106 16.04 13.04 22.34
N ALA A 107 14.79 13.49 22.40
CA ALA A 107 13.72 12.87 21.63
C ALA A 107 13.80 13.27 20.17
N VAL A 108 13.40 12.36 19.28
CA VAL A 108 13.33 12.69 17.87
C VAL A 108 11.95 12.41 17.32
N SER A 109 11.16 11.55 17.97
CA SER A 109 9.88 11.19 17.37
C SER A 109 8.83 10.80 18.41
N ILE A 110 7.62 11.31 18.29
CA ILE A 110 6.55 10.88 19.18
C ILE A 110 5.29 10.45 18.44
N VAL A 111 4.52 9.60 19.09
CA VAL A 111 3.27 9.10 18.54
C VAL A 111 2.11 9.44 19.47
N MET A 112 1.05 10.01 18.92
CA MET A 112 -0.14 10.34 19.68
C MET A 112 -1.29 9.53 19.13
N SER A 113 -1.79 8.59 19.94
CA SER A 113 -2.77 7.62 19.50
C SER A 113 -4.01 7.57 20.39
N GLY A 114 -4.19 8.58 21.23
CA GLY A 114 -5.38 8.70 22.06
C GLY A 114 -5.39 7.82 23.31
N GLN A 115 -4.23 7.33 23.70
CA GLN A 115 -4.15 6.38 24.80
C GLN A 115 -3.99 7.06 26.16
N TYR A 116 -3.45 8.28 26.16
CA TYR A 116 -3.22 9.01 27.42
C TYR A 116 -4.35 10.03 27.65
N GLU A 117 -5.08 9.88 28.75
CA GLU A 117 -6.23 10.76 29.00
C GLU A 117 -5.85 12.24 29.15
N ASP A 118 -4.56 12.54 29.38
CA ASP A 118 -4.14 13.93 29.53
C ASP A 118 -3.72 14.59 28.21
N ASP A 119 -3.60 13.80 27.13
CA ASP A 119 -3.23 14.36 25.83
C ASP A 119 -4.31 15.34 25.36
N LEU A 120 -3.90 16.46 24.78
CA LEU A 120 -4.86 17.39 24.19
C LEU A 120 -4.40 17.74 22.77
N ASP A 121 -5.20 17.36 21.77
CA ASP A 121 -4.87 17.57 20.36
C ASP A 121 -5.64 18.76 19.75
N ASN A 122 -4.93 19.86 19.46
CA ASN A 122 -5.50 20.98 18.73
C ASN A 122 -4.72 21.27 17.45
N ALA A 123 -4.35 20.18 16.77
CA ALA A 123 -3.79 20.22 15.42
C ALA A 123 -2.43 20.90 15.41
N ASP A 124 -2.40 22.18 15.08
CA ASP A 124 -1.15 22.93 15.11
C ASP A 124 -0.60 23.04 16.53
N THR A 125 -1.47 23.00 17.54
CA THR A 125 -0.95 23.00 18.91
C THR A 125 -1.34 21.72 19.64
N VAL A 126 -0.41 21.13 20.37
CA VAL A 126 -0.67 19.86 21.03
C VAL A 126 -0.15 19.92 22.47
N THR A 127 -0.91 19.41 23.43
CA THR A 127 -0.32 19.19 24.75
C THR A 127 -0.14 17.69 24.95
N TYR A 128 1.12 17.26 24.96
CA TYR A 128 1.44 15.84 24.91
C TYR A 128 1.93 15.36 26.26
N THR A 129 1.34 14.27 26.74
CA THR A 129 1.68 13.75 28.06
C THR A 129 2.99 12.96 28.01
N GLY A 130 3.79 13.10 29.05
CA GLY A 130 4.98 12.29 29.18
C GLY A 130 4.64 10.82 29.38
N GLN A 131 5.65 9.96 29.41
CA GLN A 131 5.46 8.52 29.61
C GLN A 131 5.61 8.16 31.09
N GLY A 132 5.05 7.02 31.48
CA GLY A 132 5.26 6.47 32.81
C GLY A 132 3.96 6.40 33.59
N GLY A 133 3.82 5.37 34.42
CA GLY A 133 2.66 5.25 35.30
C GLY A 133 1.36 4.96 34.56
N HIS A 134 1.49 4.62 33.27
CA HIS A 134 0.33 4.41 32.43
C HIS A 134 -0.09 2.94 32.46
N ASN A 135 -1.35 2.67 32.76
CA ASN A 135 -1.79 1.30 32.85
C ASN A 135 -2.02 0.71 31.46
N LEU A 136 -1.45 -0.46 31.20
CA LEU A 136 -1.70 -1.13 29.92
C LEU A 136 -2.89 -2.10 30.05
N THR A 137 -3.34 -2.31 31.27
CA THR A 137 -4.39 -3.32 31.54
C THR A 137 -5.54 -2.79 32.41
N GLY A 138 -6.71 -2.61 31.80
CA GLY A 138 -7.89 -2.16 32.51
C GLY A 138 -8.53 -1.00 31.79
N ASN A 139 -8.88 0.06 32.52
CA ASN A 139 -9.39 1.27 31.89
C ASN A 139 -8.24 2.12 31.34
N LYS A 140 -7.02 1.64 31.56
CA LYS A 140 -5.84 2.18 30.89
C LYS A 140 -5.54 3.64 31.26
N ARG A 141 -5.72 3.96 32.54
CA ARG A 141 -5.51 5.30 33.05
C ARG A 141 -4.14 5.41 33.72
N GLN A 142 -3.78 6.62 34.16
CA GLN A 142 -2.57 6.78 34.97
C GLN A 142 -2.76 6.12 36.32
N ILE A 143 -1.76 5.38 36.78
CA ILE A 143 -1.87 4.72 38.08
C ILE A 143 -0.77 5.08 39.07
N LYS A 144 0.21 5.88 38.63
CA LYS A 144 1.13 6.49 39.57
C LYS A 144 1.85 7.68 38.96
N ASP A 145 2.50 8.46 39.82
CA ASP A 145 3.16 9.70 39.45
C ASP A 145 4.25 9.49 38.40
N GLN A 146 4.39 10.46 37.49
CA GLN A 146 5.50 10.47 36.56
C GLN A 146 6.68 11.25 37.16
N LEU A 147 7.88 10.94 36.69
CA LEU A 147 9.07 11.70 37.03
C LEU A 147 9.77 12.15 35.74
N LEU A 148 10.70 13.08 35.90
CA LEU A 148 11.46 13.59 34.76
C LEU A 148 12.55 12.56 34.44
N GLU A 149 12.18 11.50 33.72
CA GLU A 149 13.11 10.43 33.40
C GLU A 149 12.74 9.89 32.01
N ARG A 150 13.66 9.16 31.40
CA ARG A 150 13.44 8.54 30.09
C ARG A 150 12.92 9.55 29.04
N GLY A 151 11.83 9.22 28.37
CA GLY A 151 11.29 10.08 27.32
C GLY A 151 10.96 11.50 27.80
N ASN A 152 10.59 11.62 29.07
CA ASN A 152 10.22 12.93 29.62
C ASN A 152 11.45 13.82 29.70
N LEU A 153 12.58 13.20 29.99
CA LEU A 153 13.84 13.94 30.02
C LEU A 153 14.19 14.27 28.57
N ALA A 154 13.96 13.30 27.69
CA ALA A 154 14.34 13.49 26.28
C ALA A 154 13.63 14.71 25.69
N LEU A 155 12.33 14.81 25.96
CA LEU A 155 11.53 15.93 25.52
C LEU A 155 11.96 17.24 26.18
N LYS A 156 12.35 17.17 27.45
CA LYS A 156 12.81 18.37 28.13
C LYS A 156 14.04 18.86 27.39
N HIS A 157 14.91 17.93 26.99
CA HIS A 157 16.14 18.36 26.34
C HIS A 157 15.81 18.96 24.97
N CYS A 158 14.78 18.42 24.31
CA CYS A 158 14.36 18.98 23.02
C CYS A 158 13.97 20.44 23.23
N CYS A 159 13.25 20.68 24.33
CA CYS A 159 12.78 22.04 24.60
C CYS A 159 14.00 22.94 24.81
N GLU A 160 14.99 22.46 25.55
CA GLU A 160 16.08 23.35 25.96
C GLU A 160 17.09 23.63 24.84
N TYR A 161 17.19 22.71 23.88
CA TYR A 161 18.18 22.85 22.82
C TYR A 161 17.57 23.20 21.45
N ASN A 162 16.27 23.48 21.46
CA ASN A 162 15.54 23.82 20.23
C ASN A 162 15.65 22.71 19.19
N VAL A 163 15.48 21.48 19.64
CA VAL A 163 15.46 20.34 18.74
C VAL A 163 14.02 19.92 18.55
N PRO A 164 13.53 20.00 17.31
CA PRO A 164 12.13 19.67 17.03
C PRO A 164 11.94 18.16 17.05
N VAL A 165 10.69 17.73 17.20
CA VAL A 165 10.35 16.33 17.21
C VAL A 165 9.36 16.03 16.05
N ARG A 166 9.50 14.85 15.44
CA ARG A 166 8.49 14.39 14.49
C ARG A 166 7.25 14.00 15.27
N VAL A 167 6.08 14.36 14.76
CA VAL A 167 4.82 14.00 15.42
C VAL A 167 3.98 13.15 14.47
N THR A 168 3.54 12.00 14.97
CA THR A 168 2.70 11.10 14.18
C THR A 168 1.40 10.82 14.94
N ARG A 169 0.27 10.88 14.25
CA ARG A 169 -1.02 10.62 14.87
C ARG A 169 -1.63 9.31 14.41
N GLY A 170 -2.19 8.54 15.33
CA GLY A 170 -2.98 7.37 14.96
C GLY A 170 -4.39 7.82 14.59
N HIS A 171 -4.97 7.23 13.55
CA HIS A 171 -6.35 7.52 13.15
C HIS A 171 -7.09 6.21 12.98
N ASN A 172 -8.35 6.20 13.38
CA ASN A 172 -9.22 5.05 13.12
C ASN A 172 -9.82 5.11 11.73
N CYS A 173 -9.90 3.96 11.07
CA CYS A 173 -10.52 3.85 9.75
C CYS A 173 -11.75 2.98 9.83
N LYS A 174 -12.79 3.33 9.09
CA LYS A 174 -14.01 2.53 9.03
C LYS A 174 -13.97 1.57 7.84
N SER A 175 -12.76 1.34 7.33
CA SER A 175 -12.51 0.37 6.27
C SER A 175 -12.55 -1.06 6.79
N SER A 176 -12.68 -2.01 5.88
CA SER A 176 -12.82 -3.41 6.24
C SER A 176 -11.49 -4.10 6.54
N TYR A 177 -10.43 -3.65 5.88
CA TYR A 177 -9.14 -4.35 5.95
C TYR A 177 -8.12 -3.68 6.85
N THR A 178 -8.08 -2.35 6.82
CA THR A 178 -7.17 -1.63 7.69
C THR A 178 -7.96 -0.88 8.76
N LYS A 179 -7.65 -1.18 10.02
CA LYS A 179 -8.43 -0.67 11.15
C LYS A 179 -7.89 0.69 11.59
N ARG A 180 -6.61 0.90 11.36
CA ARG A 180 -5.98 2.10 11.88
C ARG A 180 -4.76 2.47 11.06
N VAL A 181 -4.51 3.77 10.95
CA VAL A 181 -3.40 4.28 10.16
C VAL A 181 -2.69 5.35 10.97
N TYR A 182 -1.40 5.52 10.72
CA TYR A 182 -0.58 6.50 11.43
C TYR A 182 -0.04 7.51 10.43
N THR A 183 -0.30 8.79 10.66
CA THR A 183 0.15 9.80 9.71
C THR A 183 1.28 10.62 10.32
N TYR A 184 2.39 10.71 9.59
CA TYR A 184 3.47 11.61 9.96
C TYR A 184 3.01 13.04 9.66
N ASP A 185 2.86 13.85 10.70
CA ASP A 185 2.24 15.16 10.53
C ASP A 185 3.22 16.32 10.57
N GLY A 186 4.51 16.00 10.63
CA GLY A 186 5.54 17.00 10.52
C GLY A 186 6.28 17.28 11.82
N LEU A 187 7.16 18.26 11.77
CA LEU A 187 8.00 18.66 12.88
C LEU A 187 7.25 19.66 13.78
N TYR A 188 7.38 19.47 15.08
CA TYR A 188 6.84 20.40 16.07
C TYR A 188 7.98 20.79 17.00
N LYS A 189 7.97 22.03 17.46
CA LYS A 189 8.88 22.41 18.54
C LYS A 189 8.24 22.11 19.90
N VAL A 190 9.08 21.78 20.87
CA VAL A 190 8.63 21.64 22.25
C VAL A 190 8.82 23.03 22.88
N GLU A 191 7.71 23.74 23.02
CA GLU A 191 7.70 25.13 23.50
C GLU A 191 7.96 25.23 25.01
N LYS A 192 7.33 24.36 25.79
CA LYS A 192 7.53 24.35 27.24
C LYS A 192 7.02 23.05 27.84
N PHE A 193 7.44 22.76 29.07
CA PHE A 193 6.96 21.57 29.76
C PHE A 193 6.78 21.90 31.23
N TRP A 194 5.93 21.15 31.90
CA TRP A 194 5.74 21.35 33.33
C TRP A 194 5.12 20.09 33.92
N ALA A 195 5.11 20.03 35.26
CA ALA A 195 4.44 18.96 35.98
C ALA A 195 3.12 19.48 36.50
N GLN A 196 2.12 18.60 36.55
CA GLN A 196 0.87 18.94 37.20
C GLN A 196 0.10 17.67 37.50
N LYS A 197 -0.97 17.78 38.29
CA LYS A 197 -1.87 16.66 38.53
C LYS A 197 -2.67 16.39 37.26
N GLY A 198 -2.64 15.14 36.78
CA GLY A 198 -3.44 14.74 35.64
C GLY A 198 -4.88 14.48 36.03
N VAL A 199 -5.72 14.11 35.05
CA VAL A 199 -7.13 13.90 35.35
C VAL A 199 -7.35 12.73 36.33
N SER A 200 -6.42 11.76 36.34
CA SER A 200 -6.52 10.62 37.25
C SER A 200 -5.97 10.90 38.65
N GLY A 201 -5.39 12.09 38.83
CA GLY A 201 -4.99 12.54 40.14
C GLY A 201 -3.52 12.36 40.46
N PHE A 202 -2.79 11.70 39.56
CA PHE A 202 -1.36 11.52 39.73
C PHE A 202 -0.61 12.54 38.90
N THR A 203 0.59 12.87 39.34
CA THR A 203 1.45 13.80 38.60
C THR A 203 1.79 13.33 37.20
N VAL A 204 1.60 14.18 36.21
CA VAL A 204 2.11 13.92 34.86
C VAL A 204 2.97 15.09 34.34
N TYR A 205 3.87 14.78 33.43
CA TYR A 205 4.62 15.82 32.75
C TYR A 205 3.90 16.12 31.47
N LYS A 206 3.77 17.40 31.16
CA LYS A 206 3.06 17.82 29.96
C LYS A 206 3.96 18.68 29.09
N TYR A 207 3.86 18.50 27.78
CA TYR A 207 4.75 19.16 26.82
C TYR A 207 3.91 19.91 25.82
N ARG A 208 4.05 21.23 25.80
CA ARG A 208 3.31 22.02 24.83
C ARG A 208 4.08 22.06 23.53
N LEU A 209 3.48 21.54 22.48
CA LEU A 209 4.12 21.44 21.17
C LEU A 209 3.46 22.35 20.16
N LYS A 210 4.27 23.03 19.37
CA LYS A 210 3.73 23.90 18.33
C LYS A 210 4.32 23.51 16.98
N ARG A 211 3.46 23.31 15.99
CA ARG A 211 3.89 22.85 14.66
C ARG A 211 4.76 23.91 14.00
N LEU A 212 5.90 23.49 13.44
CA LEU A 212 6.76 24.46 12.78
C LEU A 212 6.18 24.85 11.43
N GLU A 213 6.36 26.11 11.05
CA GLU A 213 6.02 26.53 9.69
C GLU A 213 7.08 26.02 8.71
N GLY A 214 6.89 26.30 7.42
CA GLY A 214 7.78 25.80 6.40
C GLY A 214 7.43 24.38 5.98
N GLN A 215 6.22 23.94 6.30
CA GLN A 215 5.80 22.56 6.03
C GLN A 215 4.47 22.59 5.30
N PRO A 216 4.12 21.51 4.61
CA PRO A 216 2.76 21.39 4.07
C PRO A 216 1.75 21.58 5.19
N GLU A 217 0.66 22.27 4.88
CA GLU A 217 -0.42 22.48 5.84
C GLU A 217 -0.96 21.17 6.38
N LEU A 218 -1.34 21.19 7.66
CA LEU A 218 -2.11 20.10 8.24
C LEU A 218 -3.46 20.10 7.57
N THR A 219 -3.97 18.94 7.23
CA THR A 219 -5.30 18.87 6.64
C THR A 219 -6.26 18.01 7.45
N THR A 220 -7.54 18.34 7.35
CA THR A 220 -8.60 17.62 8.01
C THR A 220 -9.07 16.47 7.13
N ASP A 221 -10.22 15.90 7.47
CA ASP A 221 -10.86 14.71 6.87
C ASP A 221 -10.41 13.39 7.52
N ILE A 237 -22.14 13.22 -6.13
CA ILE A 237 -20.78 13.17 -6.67
C ILE A 237 -20.60 14.22 -7.77
N GLU A 238 -19.64 15.12 -7.54
CA GLU A 238 -19.41 16.24 -8.45
C GLU A 238 -18.80 15.76 -9.76
N GLY A 239 -19.39 16.18 -10.88
CA GLY A 239 -18.84 15.87 -12.19
C GLY A 239 -19.12 14.46 -12.66
N LEU A 240 -20.08 13.80 -12.00
CA LEU A 240 -20.47 12.45 -12.36
C LEU A 240 -20.90 12.37 -13.82
N VAL A 241 -20.29 11.45 -14.58
CA VAL A 241 -20.68 11.25 -15.97
C VAL A 241 -21.28 9.87 -16.22
N CYS A 242 -21.13 8.98 -15.24
CA CYS A 242 -21.73 7.64 -15.29
C CYS A 242 -21.77 7.06 -13.89
N GLU A 243 -22.87 6.41 -13.54
CA GLU A 243 -23.04 5.91 -12.18
C GLU A 243 -22.25 4.64 -11.88
N ASP A 244 -22.15 3.76 -12.89
CA ASP A 244 -21.44 2.50 -12.77
C ASP A 244 -21.02 2.07 -14.16
N ILE A 245 -19.73 2.20 -14.49
CA ILE A 245 -19.27 1.84 -15.83
C ILE A 245 -19.38 0.33 -16.12
N SER A 246 -19.57 -0.48 -15.09
CA SER A 246 -19.88 -1.89 -15.33
C SER A 246 -21.38 -2.00 -15.59
N GLY A 247 -21.87 -3.15 -15.97
CA GLY A 247 -23.29 -3.24 -16.28
C GLY A 247 -24.12 -3.48 -15.03
N GLY A 248 -23.51 -3.26 -13.87
CA GLY A 248 -23.95 -3.93 -12.66
C GLY A 248 -23.25 -5.28 -12.66
N LEU A 249 -22.24 -5.42 -13.53
CA LEU A 249 -21.45 -6.65 -13.65
C LEU A 249 -20.36 -6.81 -12.61
N GLU A 250 -19.93 -5.70 -12.00
CA GLU A 250 -18.99 -5.80 -10.88
C GLU A 250 -19.79 -5.77 -9.58
N PHE A 251 -19.25 -6.42 -8.54
CA PHE A 251 -19.95 -6.50 -7.26
C PHE A 251 -20.09 -5.12 -6.61
N LYS A 252 -19.05 -4.31 -6.75
CA LYS A 252 -19.10 -2.91 -6.34
C LYS A 252 -19.09 -2.02 -7.59
N GLY A 253 -20.08 -1.15 -7.70
CA GLY A 253 -20.21 -0.30 -8.87
C GLY A 253 -19.02 0.61 -9.04
N ILE A 254 -18.74 1.04 -10.27
CA ILE A 254 -17.59 1.89 -10.51
C ILE A 254 -18.02 3.16 -11.22
N PRO A 255 -18.26 4.22 -10.43
CA PRO A 255 -18.70 5.49 -11.02
C PRO A 255 -17.55 6.17 -11.79
N ALA A 256 -17.91 7.02 -12.74
CA ALA A 256 -16.94 7.79 -13.50
C ALA A 256 -17.23 9.27 -13.36
N THR A 257 -16.16 10.06 -13.19
CA THR A 257 -16.26 11.51 -13.11
C THR A 257 -15.32 12.22 -14.09
N ASN A 258 -15.66 13.48 -14.37
CA ASN A 258 -14.86 14.36 -15.21
C ASN A 258 -14.99 15.79 -14.71
N ARG A 259 -14.00 16.24 -13.93
CA ARG A 259 -13.94 17.62 -13.47
C ARG A 259 -12.80 18.38 -14.17
N VAL A 260 -12.30 17.81 -15.26
CA VAL A 260 -11.21 18.42 -16.02
C VAL A 260 -11.78 19.39 -17.06
N ASP A 261 -12.76 18.90 -17.82
CA ASP A 261 -13.59 19.73 -18.67
C ASP A 261 -15.03 19.32 -18.40
N ASP A 262 -16.01 19.91 -19.06
CA ASP A 262 -17.34 19.30 -18.99
C ASP A 262 -17.87 18.75 -20.30
N SER A 263 -17.14 17.77 -20.81
CA SER A 263 -17.69 16.84 -21.77
C SER A 263 -18.60 15.96 -20.94
N PRO A 264 -19.82 15.68 -21.43
CA PRO A 264 -20.69 14.74 -20.73
C PRO A 264 -20.35 13.29 -21.10
N VAL A 265 -19.31 13.11 -21.89
CA VAL A 265 -18.96 11.79 -22.42
C VAL A 265 -18.54 10.82 -21.32
N SER A 266 -19.14 9.64 -21.33
CA SER A 266 -18.78 8.57 -20.40
C SER A 266 -17.61 7.75 -20.95
N PRO A 267 -16.80 7.16 -20.06
CA PRO A 267 -15.75 6.28 -20.57
C PRO A 267 -16.30 5.02 -21.23
N THR A 268 -17.60 4.77 -21.10
CA THR A 268 -18.24 3.55 -21.64
C THR A 268 -18.84 3.70 -23.03
N SER A 269 -18.81 4.91 -23.57
CA SER A 269 -19.35 5.16 -24.90
C SER A 269 -18.52 4.45 -25.98
N GLY A 270 -19.19 3.55 -26.70
CA GLY A 270 -18.56 2.71 -27.70
C GLY A 270 -18.08 1.35 -27.19
N PHE A 271 -17.89 1.32 -25.88
CA PHE A 271 -17.21 0.25 -25.18
C PHE A 271 -18.13 -0.66 -24.37
N THR A 272 -17.97 -1.97 -24.55
CA THR A 272 -18.84 -2.92 -23.88
C THR A 272 -18.11 -3.54 -22.69
N TYR A 273 -18.62 -3.29 -21.48
CA TYR A 273 -18.02 -3.85 -20.28
C TYR A 273 -18.29 -5.36 -20.25
N ILE A 274 -17.25 -6.13 -19.96
CA ILE A 274 -17.41 -7.57 -19.78
C ILE A 274 -16.63 -8.01 -18.56
N LYS A 275 -17.05 -9.14 -18.00
CA LYS A 275 -16.47 -9.67 -16.77
C LYS A 275 -15.52 -10.85 -17.05
N SER A 276 -15.66 -11.48 -18.21
CA SER A 276 -14.82 -12.64 -18.53
C SER A 276 -14.15 -12.49 -19.88
N LEU A 277 -12.99 -13.12 -20.02
CA LEU A 277 -12.26 -13.11 -21.28
C LEU A 277 -13.11 -13.58 -22.46
N ILE A 278 -12.87 -12.99 -23.63
CA ILE A 278 -13.45 -13.47 -24.87
C ILE A 278 -12.30 -14.05 -25.71
N ILE A 279 -12.50 -15.26 -26.21
CA ILE A 279 -11.45 -15.91 -26.98
C ILE A 279 -11.78 -15.82 -28.45
N GLU A 280 -10.90 -15.20 -29.23
CA GLU A 280 -11.10 -15.13 -30.68
C GLU A 280 -11.06 -16.56 -31.23
N PRO A 281 -11.91 -16.89 -32.21
CA PRO A 281 -12.06 -18.22 -32.80
C PRO A 281 -10.76 -18.88 -33.29
N ASN A 282 -9.73 -18.11 -33.66
CA ASN A 282 -8.49 -18.76 -34.08
C ASN A 282 -7.44 -18.89 -32.96
N VAL A 283 -7.84 -18.56 -31.74
CA VAL A 283 -7.00 -18.81 -30.59
C VAL A 283 -7.35 -20.17 -30.01
N ILE A 284 -6.33 -20.98 -29.77
CA ILE A 284 -6.54 -22.30 -29.24
C ILE A 284 -7.05 -22.26 -27.80
N ILE A 285 -7.93 -23.20 -27.47
CA ILE A 285 -8.32 -23.40 -26.09
C ILE A 285 -7.55 -24.61 -25.55
N PRO A 286 -6.55 -24.35 -24.70
CA PRO A 286 -5.69 -25.44 -24.21
C PRO A 286 -6.47 -26.47 -23.41
N LYS A 287 -5.86 -27.64 -23.24
CA LYS A 287 -6.38 -28.69 -22.39
C LYS A 287 -6.60 -28.17 -20.95
N SER A 288 -7.77 -28.46 -20.38
CA SER A 288 -8.08 -28.02 -19.01
C SER A 288 -7.15 -28.62 -17.95
N SER A 289 -6.82 -27.84 -16.92
CA SER A 289 -6.00 -28.35 -15.83
C SER A 289 -6.72 -29.47 -15.09
N THR A 290 -5.95 -30.44 -14.62
CA THR A 290 -6.50 -31.54 -13.86
C THR A 290 -7.08 -31.10 -12.51
N GLY A 291 -6.36 -30.23 -11.80
CA GLY A 291 -6.85 -29.73 -10.52
C GLY A 291 -6.63 -30.65 -9.33
N CYS A 292 -7.13 -30.22 -8.17
CA CYS A 292 -6.89 -30.93 -6.91
C CYS A 292 -8.18 -31.57 -6.44
N ASN A 293 -8.10 -32.43 -5.44
CA ASN A 293 -9.28 -33.16 -4.99
C ASN A 293 -9.76 -32.71 -3.61
N CYS A 294 -9.23 -31.56 -3.18
CA CYS A 294 -9.60 -31.01 -1.89
C CYS A 294 -11.09 -30.68 -1.90
N ARG A 295 -11.68 -30.60 -0.72
CA ARG A 295 -13.10 -30.33 -0.63
C ARG A 295 -13.39 -29.03 0.10
N GLY A 296 -14.17 -28.16 -0.53
CA GLY A 296 -14.55 -26.91 0.11
C GLY A 296 -13.52 -25.81 -0.09
N SER A 297 -12.46 -25.85 0.71
CA SER A 297 -11.36 -24.90 0.59
C SER A 297 -10.04 -25.63 0.70
N CYS A 298 -9.04 -25.21 -0.05
CA CYS A 298 -7.74 -25.86 0.04
C CYS A 298 -6.88 -25.28 1.17
N THR A 299 -6.54 -26.13 2.14
CA THR A 299 -5.78 -25.67 3.31
C THR A 299 -4.58 -26.55 3.65
N ASP A 300 -4.61 -27.80 3.21
CA ASP A 300 -3.50 -28.71 3.45
C ASP A 300 -2.61 -28.77 2.22
N SER A 301 -1.41 -28.20 2.34
CA SER A 301 -0.51 -28.09 1.20
C SER A 301 0.12 -29.42 0.78
N LYS A 302 0.05 -30.40 1.68
CA LYS A 302 0.52 -31.75 1.37
C LYS A 302 -0.43 -32.48 0.44
N LYS A 303 -1.73 -32.35 0.70
CA LYS A 303 -2.73 -33.10 -0.04
C LYS A 303 -3.15 -32.42 -1.34
N CYS A 304 -2.86 -31.14 -1.46
CA CYS A 304 -3.35 -30.31 -2.57
C CYS A 304 -2.38 -30.24 -3.75
N ALA A 305 -2.79 -30.81 -4.89
CA ALA A 305 -1.98 -30.78 -6.10
C ALA A 305 -1.66 -29.36 -6.58
N CYS A 306 -2.54 -28.42 -6.25
CA CYS A 306 -2.38 -27.04 -6.69
C CYS A 306 -1.33 -26.32 -5.83
N ALA A 307 -1.24 -26.67 -4.56
CA ALA A 307 -0.15 -26.19 -3.72
C ALA A 307 1.17 -26.79 -4.24
N LYS A 308 1.13 -28.04 -4.67
CA LYS A 308 2.31 -28.70 -5.22
C LYS A 308 2.84 -27.96 -6.46
N LEU A 309 1.93 -27.61 -7.36
CA LEU A 309 2.27 -26.82 -8.55
C LEU A 309 3.06 -25.55 -8.18
N ASN A 310 2.73 -24.95 -7.04
CA ASN A 310 3.40 -23.72 -6.63
C ASN A 310 4.75 -23.96 -5.93
N GLY A 311 5.11 -25.23 -5.75
CA GLY A 311 6.37 -25.56 -5.11
C GLY A 311 6.18 -26.08 -3.70
N GLY A 312 4.94 -26.34 -3.32
CA GLY A 312 4.65 -26.91 -2.01
C GLY A 312 3.80 -26.07 -1.07
N ASN A 313 3.87 -24.75 -1.18
CA ASN A 313 3.07 -23.90 -0.31
C ASN A 313 2.09 -23.06 -1.12
N PHE A 314 1.06 -22.56 -0.45
CA PHE A 314 0.10 -21.69 -1.11
C PHE A 314 0.73 -20.32 -1.33
N PRO A 315 0.49 -19.73 -2.51
CA PRO A 315 1.10 -18.43 -2.79
C PRO A 315 0.30 -17.28 -2.19
N TYR A 316 -0.91 -17.57 -1.71
CA TYR A 316 -1.76 -16.56 -1.10
C TYR A 316 -1.93 -16.85 0.37
N VAL A 317 -2.09 -15.79 1.16
CA VAL A 317 -2.41 -15.94 2.58
C VAL A 317 -3.88 -15.52 2.78
N ASP A 318 -4.55 -16.19 3.71
CA ASP A 318 -5.95 -15.93 4.00
C ASP A 318 -6.07 -14.76 4.99
N LEU A 319 -5.83 -13.56 4.48
CA LEU A 319 -5.90 -12.37 5.29
C LEU A 319 -6.55 -11.33 4.43
N ASN A 320 -7.52 -10.60 4.98
CA ASN A 320 -8.20 -9.56 4.23
C ASN A 320 -8.75 -10.10 2.91
N ASP A 321 -9.35 -11.29 2.96
CA ASP A 321 -9.93 -11.95 1.78
C ASP A 321 -8.92 -12.41 0.72
N GLY A 322 -7.66 -12.53 1.11
CA GLY A 322 -6.65 -13.11 0.24
C GLY A 322 -5.62 -12.11 -0.28
N ARG A 323 -4.36 -12.32 0.10
CA ARG A 323 -3.28 -11.44 -0.35
C ARG A 323 -2.13 -12.32 -0.87
N LEU A 324 -1.55 -11.91 -1.99
CA LEU A 324 -0.41 -12.61 -2.57
C LEU A 324 0.82 -12.30 -1.75
N ILE A 325 1.55 -13.33 -1.33
CA ILE A 325 2.68 -13.12 -0.44
C ILE A 325 3.83 -12.42 -1.16
N GLU A 326 4.14 -12.89 -2.36
CA GLU A 326 5.18 -12.27 -3.16
C GLU A 326 4.99 -12.61 -4.61
N SER A 327 5.59 -11.81 -5.49
CA SER A 327 5.47 -12.03 -6.92
C SER A 327 6.20 -13.31 -7.30
N ARG A 328 5.72 -13.95 -8.35
CA ARG A 328 6.28 -15.21 -8.83
C ARG A 328 6.25 -15.16 -10.35
N ASP A 329 7.07 -15.99 -11.00
CA ASP A 329 6.98 -16.10 -12.46
C ASP A 329 5.54 -16.38 -12.87
N VAL A 330 4.92 -17.34 -12.17
CA VAL A 330 3.52 -17.66 -12.40
C VAL A 330 2.91 -18.22 -11.13
N VAL A 331 1.66 -17.88 -10.87
CA VAL A 331 0.92 -18.41 -9.73
C VAL A 331 -0.03 -19.49 -10.24
N PHE A 332 -0.11 -20.64 -9.56
CA PHE A 332 -1.06 -21.66 -9.98
C PHE A 332 -2.28 -21.67 -9.07
N GLU A 333 -3.41 -21.20 -9.58
CA GLU A 333 -4.66 -21.16 -8.82
C GLU A 333 -5.50 -22.40 -9.07
N CYS A 334 -6.40 -22.70 -8.14
CA CYS A 334 -7.40 -23.76 -8.34
C CYS A 334 -8.31 -23.35 -9.51
N GLY A 335 -8.93 -24.32 -10.17
CA GLY A 335 -9.67 -24.07 -11.39
C GLY A 335 -10.93 -24.91 -11.52
N PRO A 336 -11.46 -25.00 -12.75
CA PRO A 336 -12.74 -25.61 -13.09
C PRO A 336 -12.92 -27.02 -12.56
N HIS A 337 -11.83 -27.77 -12.44
CA HIS A 337 -11.93 -29.17 -12.05
C HIS A 337 -11.51 -29.44 -10.62
N CYS A 338 -11.13 -28.39 -9.89
CA CYS A 338 -10.77 -28.61 -8.50
C CYS A 338 -12.02 -28.93 -7.67
N GLY A 339 -11.85 -29.68 -6.60
CA GLY A 339 -12.98 -30.02 -5.75
C GLY A 339 -13.41 -28.90 -4.82
N CYS A 340 -12.63 -27.82 -4.77
CA CYS A 340 -12.92 -26.73 -3.85
C CYS A 340 -13.87 -25.72 -4.47
N GLY A 341 -14.57 -24.98 -3.62
CA GLY A 341 -15.51 -23.96 -4.05
C GLY A 341 -14.86 -22.58 -4.12
N PRO A 342 -15.66 -21.56 -4.47
CA PRO A 342 -15.17 -20.21 -4.77
C PRO A 342 -14.48 -19.52 -3.60
N LYS A 343 -14.71 -19.98 -2.37
CA LYS A 343 -14.11 -19.34 -1.20
C LYS A 343 -12.64 -19.71 -1.01
N CYS A 344 -12.18 -20.74 -1.72
CA CYS A 344 -10.80 -21.18 -1.62
C CYS A 344 -9.78 -20.05 -1.74
N VAL A 345 -8.82 -20.02 -0.84
CA VAL A 345 -7.84 -18.92 -0.84
C VAL A 345 -6.94 -19.02 -2.07
N ASN A 346 -6.76 -20.23 -2.58
CA ASN A 346 -6.02 -20.41 -3.82
C ASN A 346 -6.87 -20.10 -5.07
N ARG A 347 -7.97 -19.39 -4.88
CA ARG A 347 -8.68 -18.75 -5.99
C ARG A 347 -8.75 -17.25 -5.76
N THR A 348 -7.81 -16.72 -5.00
CA THR A 348 -7.82 -15.30 -4.62
C THR A 348 -8.13 -14.27 -5.73
N SER A 349 -7.49 -14.41 -6.90
CA SER A 349 -7.71 -13.42 -7.97
C SER A 349 -9.03 -13.64 -8.75
N GLN A 350 -9.79 -14.66 -8.38
CA GLN A 350 -11.04 -14.98 -9.09
C GLN A 350 -12.24 -14.37 -8.36
N LYS A 351 -12.01 -13.88 -7.15
CA LYS A 351 -13.10 -13.39 -6.30
C LYS A 351 -13.60 -12.01 -6.73
N ARG A 352 -14.76 -11.62 -6.20
CA ARG A 352 -15.39 -10.35 -6.49
C ARG A 352 -14.49 -9.17 -6.20
N LEU A 353 -14.62 -8.11 -7.01
CA LEU A 353 -13.99 -6.83 -6.75
C LEU A 353 -14.23 -6.42 -5.30
N ARG A 354 -13.16 -6.18 -4.55
CA ARG A 354 -13.22 -5.96 -3.11
C ARG A 354 -13.35 -4.48 -2.76
N PHE A 355 -13.01 -3.60 -3.70
CA PHE A 355 -12.84 -2.19 -3.37
C PHE A 355 -13.79 -1.30 -4.15
N ASN A 356 -14.19 -0.18 -3.55
CA ASN A 356 -14.96 0.83 -4.27
C ASN A 356 -14.00 1.69 -5.09
N LEU A 357 -14.13 1.62 -6.40
CA LEU A 357 -13.22 2.32 -7.30
C LEU A 357 -13.95 3.43 -8.07
N GLU A 358 -13.16 4.24 -8.76
CA GLU A 358 -13.68 5.37 -9.51
C GLU A 358 -12.82 5.60 -10.75
N VAL A 359 -13.48 5.78 -11.88
CA VAL A 359 -12.76 6.22 -13.07
C VAL A 359 -12.91 7.74 -13.11
N PHE A 360 -11.81 8.45 -13.33
CA PHE A 360 -11.85 9.90 -13.36
C PHE A 360 -11.03 10.47 -14.52
N ARG A 361 -11.38 11.66 -14.97
CA ARG A 361 -10.62 12.33 -16.05
C ARG A 361 -9.35 12.96 -15.52
N SER A 362 -8.19 12.48 -15.97
CA SER A 362 -6.92 13.12 -15.64
C SER A 362 -6.71 14.33 -16.56
N ALA A 363 -5.75 15.19 -16.22
CA ALA A 363 -5.47 16.36 -17.04
C ALA A 363 -4.89 15.99 -18.40
N LYS A 364 -3.96 15.05 -18.44
CA LYS A 364 -3.19 14.83 -19.66
C LYS A 364 -3.03 13.36 -20.07
N LYS A 365 -3.64 12.45 -19.31
CA LYS A 365 -3.47 11.03 -19.60
C LYS A 365 -4.78 10.38 -20.02
N GLY A 366 -5.84 11.19 -20.13
CA GLY A 366 -7.17 10.66 -20.41
C GLY A 366 -7.77 10.07 -19.15
N TRP A 367 -8.55 8.99 -19.27
CA TRP A 367 -9.18 8.38 -18.11
C TRP A 367 -8.14 7.71 -17.21
N ALA A 368 -8.48 7.61 -15.92
CA ALA A 368 -7.59 7.08 -14.89
C ALA A 368 -8.43 6.39 -13.81
N VAL A 369 -7.82 5.59 -12.95
CA VAL A 369 -8.56 4.88 -11.92
C VAL A 369 -8.01 5.17 -10.53
N ARG A 370 -8.89 5.40 -9.56
CA ARG A 370 -8.45 5.51 -8.17
C ARG A 370 -9.41 4.78 -7.25
N SER A 371 -8.97 4.57 -6.01
CA SER A 371 -9.76 3.86 -5.03
C SER A 371 -10.29 4.81 -3.97
N TRP A 372 -11.49 4.52 -3.47
CA TRP A 372 -12.07 5.25 -2.34
C TRP A 372 -11.68 4.62 -1.01
N GLU A 373 -11.07 3.44 -1.08
CA GLU A 373 -10.71 2.68 0.12
C GLU A 373 -9.22 2.34 0.14
N TYR A 374 -8.73 1.96 1.30
CA TYR A 374 -7.37 1.47 1.43
C TYR A 374 -7.23 0.11 0.75
N ILE A 375 -6.11 -0.10 0.06
CA ILE A 375 -5.83 -1.38 -0.56
C ILE A 375 -4.56 -1.94 0.04
N PRO A 376 -4.66 -3.04 0.79
CA PRO A 376 -3.46 -3.65 1.37
C PRO A 376 -2.54 -4.19 0.28
N ALA A 377 -1.24 -4.10 0.53
CA ALA A 377 -0.26 -4.70 -0.36
C ALA A 377 -0.51 -6.22 -0.53
N GLY A 378 -0.52 -6.68 -1.78
CA GLY A 378 -0.74 -8.08 -2.07
C GLY A 378 -2.16 -8.40 -2.48
N SER A 379 -3.07 -7.43 -2.28
CA SER A 379 -4.47 -7.59 -2.69
C SER A 379 -4.60 -7.57 -4.20
N PRO A 380 -5.45 -8.45 -4.76
CA PRO A 380 -5.71 -8.35 -6.19
C PRO A 380 -6.60 -7.15 -6.48
N VAL A 381 -6.28 -6.44 -7.55
CA VAL A 381 -7.09 -5.31 -7.98
C VAL A 381 -7.98 -5.78 -9.12
N CYS A 382 -7.37 -6.40 -10.13
CA CYS A 382 -8.22 -6.91 -11.22
C CYS A 382 -7.46 -7.72 -12.22
N GLU A 383 -8.15 -8.64 -12.89
CA GLU A 383 -7.60 -9.29 -14.07
C GLU A 383 -7.75 -8.33 -15.24
N TYR A 384 -6.78 -8.32 -16.14
CA TYR A 384 -6.94 -7.58 -17.39
C TYR A 384 -7.83 -8.39 -18.36
N ILE A 385 -9.07 -7.96 -18.49
CA ILE A 385 -10.07 -8.63 -19.32
C ILE A 385 -10.27 -7.93 -20.67
N GLY A 386 -10.38 -8.72 -21.72
CA GLY A 386 -10.56 -8.23 -23.08
C GLY A 386 -10.73 -9.42 -24.00
N VAL A 387 -10.48 -9.20 -25.29
CA VAL A 387 -10.54 -10.28 -26.27
C VAL A 387 -9.16 -10.87 -26.47
N VAL A 388 -9.00 -12.16 -26.24
CA VAL A 388 -7.70 -12.78 -26.43
C VAL A 388 -7.49 -13.04 -27.92
N ARG A 389 -6.41 -12.47 -28.46
CA ARG A 389 -6.13 -12.58 -29.90
C ARG A 389 -4.70 -12.99 -30.14
N ARG A 390 -4.44 -13.59 -31.30
CA ARG A 390 -3.08 -13.84 -31.72
C ARG A 390 -2.43 -12.51 -32.06
N THR A 391 -1.24 -12.25 -31.52
CA THR A 391 -0.54 -10.99 -31.78
C THR A 391 -0.26 -10.79 -33.26
N ALA A 392 -0.20 -11.89 -34.01
CA ALA A 392 0.01 -11.83 -35.45
C ALA A 392 -1.15 -11.15 -36.18
N ASP A 393 -2.31 -11.15 -35.55
CA ASP A 393 -3.53 -10.66 -36.19
C ASP A 393 -3.83 -9.20 -35.84
N VAL A 394 -3.07 -8.66 -34.89
CA VAL A 394 -3.27 -7.28 -34.44
C VAL A 394 -2.16 -6.36 -34.93
N ASN A 400 -6.20 0.63 -30.49
CA ASN A 400 -4.74 0.60 -30.57
C ASN A 400 -4.02 0.66 -29.23
N GLU A 401 -4.58 1.40 -28.27
CA GLU A 401 -3.87 1.66 -27.01
C GLU A 401 -4.31 0.76 -25.85
N TYR A 402 -5.08 -0.29 -26.15
CA TYR A 402 -5.66 -1.10 -25.09
C TYR A 402 -5.31 -2.57 -25.18
N ILE A 403 -4.16 -2.86 -25.78
CA ILE A 403 -3.66 -4.23 -25.90
C ILE A 403 -2.61 -4.51 -24.82
N PHE A 404 -2.72 -5.68 -24.21
CA PHE A 404 -1.75 -6.17 -23.23
C PHE A 404 -1.18 -7.48 -23.74
N GLU A 405 0.10 -7.50 -24.10
CA GLU A 405 0.72 -8.73 -24.56
C GLU A 405 0.94 -9.70 -23.39
N ILE A 406 0.58 -10.96 -23.59
CA ILE A 406 0.80 -11.99 -22.57
C ILE A 406 2.21 -12.59 -22.69
N ASP A 407 3.12 -12.16 -21.82
CA ASP A 407 4.50 -12.62 -21.88
C ASP A 407 5.01 -13.00 -20.49
N CYS A 408 4.78 -14.24 -20.09
CA CYS A 408 5.23 -14.72 -18.77
C CYS A 408 6.44 -15.62 -18.89
N PRO A 443 5.73 -12.36 -28.00
CA PRO A 443 4.55 -12.98 -27.38
C PRO A 443 3.53 -13.40 -28.42
N GLU A 444 3.05 -14.64 -28.34
CA GLU A 444 2.13 -15.18 -29.34
C GLU A 444 0.69 -14.68 -29.20
N PHE A 445 0.30 -14.36 -27.97
CA PHE A 445 -1.08 -13.98 -27.68
C PHE A 445 -1.14 -12.68 -26.89
N CYS A 446 -2.24 -11.96 -27.02
CA CYS A 446 -2.43 -10.71 -26.29
C CYS A 446 -3.91 -10.56 -25.90
N ILE A 447 -4.18 -9.60 -25.02
CA ILE A 447 -5.53 -9.26 -24.59
C ILE A 447 -5.88 -7.87 -25.12
N ASP A 448 -6.89 -7.80 -25.98
CA ASP A 448 -7.29 -6.56 -26.62
C ASP A 448 -8.56 -6.01 -25.97
N ALA A 449 -8.41 -4.97 -25.15
CA ALA A 449 -9.58 -4.29 -24.56
C ALA A 449 -9.97 -3.01 -25.30
N GLY A 450 -9.71 -2.95 -26.60
CA GLY A 450 -9.97 -1.77 -27.40
C GLY A 450 -11.45 -1.44 -27.57
N SER A 451 -12.28 -2.47 -27.63
CA SER A 451 -13.72 -2.31 -27.84
C SER A 451 -14.54 -2.97 -26.73
N THR A 452 -13.97 -3.98 -26.08
CA THR A 452 -14.66 -4.62 -24.96
C THR A 452 -13.65 -5.14 -23.91
N GLY A 453 -14.02 -5.04 -22.62
CA GLY A 453 -13.15 -5.42 -21.52
C GLY A 453 -13.72 -5.02 -20.17
N ASN A 454 -12.96 -5.23 -19.11
CA ASN A 454 -13.34 -4.72 -17.79
C ASN A 454 -12.63 -3.39 -17.50
N PHE A 455 -12.59 -2.98 -16.22
CA PHE A 455 -12.04 -1.66 -15.88
C PHE A 455 -10.52 -1.53 -16.01
N ALA A 456 -9.83 -2.66 -16.19
CA ALA A 456 -8.36 -2.67 -16.18
C ALA A 456 -7.76 -1.79 -17.26
N ARG A 457 -8.44 -1.70 -18.37
CA ARG A 457 -8.00 -0.90 -19.51
C ARG A 457 -7.95 0.61 -19.19
N PHE A 458 -8.52 1.02 -18.07
CA PHE A 458 -8.51 2.45 -17.70
C PHE A 458 -7.34 2.85 -16.81
N ILE A 459 -6.57 1.85 -16.36
CA ILE A 459 -5.43 2.08 -15.49
C ILE A 459 -4.20 2.56 -16.28
N ASN A 460 -3.60 3.66 -15.83
CA ASN A 460 -2.49 4.29 -16.54
C ASN A 460 -1.12 3.74 -16.16
N HIS A 461 -0.12 4.10 -16.96
CA HIS A 461 1.27 3.75 -16.71
C HIS A 461 1.92 4.70 -15.72
N SER A 462 2.77 4.18 -14.85
CA SER A 462 3.69 5.03 -14.10
C SER A 462 5.10 4.47 -14.09
N CYS A 463 6.09 5.35 -14.09
CA CYS A 463 7.48 4.94 -13.91
C CYS A 463 7.77 4.55 -12.45
N GLU A 464 6.88 4.96 -11.54
CA GLU A 464 6.93 4.49 -10.14
C GLU A 464 5.56 3.96 -9.70
N PRO A 465 5.21 2.77 -10.18
CA PRO A 465 3.83 2.30 -10.03
C PRO A 465 3.51 1.82 -8.62
N ASN A 466 2.22 1.66 -8.32
CA ASN A 466 1.82 1.00 -7.07
C ASN A 466 1.13 -0.35 -7.30
N LEU A 467 0.95 -0.74 -8.56
CA LEU A 467 0.47 -2.09 -8.89
C LEU A 467 1.55 -2.85 -9.64
N PHE A 468 1.43 -4.18 -9.67
CA PHE A 468 2.32 -4.96 -10.49
C PHE A 468 1.56 -6.09 -11.20
N VAL A 469 2.13 -6.54 -12.31
CA VAL A 469 1.54 -7.58 -13.14
C VAL A 469 1.95 -8.97 -12.65
N GLN A 470 0.97 -9.85 -12.52
CA GLN A 470 1.21 -11.21 -12.09
C GLN A 470 0.51 -12.18 -13.02
N CYS A 471 1.26 -13.12 -13.60
CA CYS A 471 0.66 -14.13 -14.45
C CYS A 471 0.06 -15.23 -13.59
N VAL A 472 -1.14 -15.68 -13.96
CA VAL A 472 -1.85 -16.68 -13.20
C VAL A 472 -2.37 -17.77 -14.13
N LEU A 473 -2.16 -19.02 -13.74
CA LEU A 473 -2.74 -20.13 -14.48
C LEU A 473 -3.84 -20.75 -13.62
N SER A 474 -5.01 -21.00 -14.19
CA SER A 474 -6.08 -21.65 -13.44
C SER A 474 -6.91 -22.57 -14.32
N SER A 475 -7.38 -22.05 -15.45
CA SER A 475 -8.19 -22.84 -16.38
C SER A 475 -7.34 -23.91 -17.07
N HIS A 476 -6.08 -23.60 -17.33
CA HIS A 476 -5.23 -24.48 -18.12
C HIS A 476 -3.78 -24.25 -17.72
N GLN A 477 -2.86 -24.98 -18.34
CA GLN A 477 -1.47 -24.90 -17.93
C GLN A 477 -0.57 -24.32 -19.03
N ASP A 478 -1.18 -23.62 -19.98
CA ASP A 478 -0.42 -23.07 -21.11
C ASP A 478 0.02 -21.66 -20.81
N ILE A 479 1.32 -21.48 -20.53
CA ILE A 479 1.87 -20.22 -20.05
C ILE A 479 1.69 -19.07 -21.06
N ARG A 480 1.59 -19.42 -22.34
CA ARG A 480 1.39 -18.45 -23.42
C ARG A 480 0.03 -17.77 -23.29
N LEU A 481 -0.90 -18.42 -22.60
CA LEU A 481 -2.26 -17.89 -22.45
C LEU A 481 -2.64 -17.64 -20.99
N ALA A 482 -1.65 -17.35 -20.15
CA ALA A 482 -1.91 -17.08 -18.73
C ALA A 482 -2.87 -15.92 -18.56
N ARG A 483 -3.57 -15.94 -17.43
CA ARG A 483 -4.36 -14.77 -17.02
C ARG A 483 -3.40 -13.69 -16.54
N VAL A 484 -3.71 -12.44 -16.85
CA VAL A 484 -2.89 -11.31 -16.44
C VAL A 484 -3.62 -10.58 -15.31
N VAL A 485 -3.04 -10.57 -14.12
CA VAL A 485 -3.73 -9.98 -12.98
C VAL A 485 -2.89 -8.88 -12.31
N LEU A 486 -3.53 -7.74 -12.06
CA LEU A 486 -2.90 -6.62 -11.33
C LEU A 486 -3.13 -6.71 -9.82
N PHE A 487 -2.01 -6.72 -9.08
CA PHE A 487 -2.00 -6.74 -7.61
C PHE A 487 -1.39 -5.47 -7.05
N ALA A 488 -1.82 -5.06 -5.86
CA ALA A 488 -1.20 -3.94 -5.15
C ALA A 488 0.23 -4.29 -4.76
N ALA A 489 1.20 -3.50 -5.22
CA ALA A 489 2.59 -3.70 -4.80
C ALA A 489 2.83 -3.04 -3.44
N ASP A 490 2.05 -2.01 -3.17
CA ASP A 490 2.20 -1.24 -1.94
C ASP A 490 0.86 -1.13 -1.24
N ASN A 491 0.88 -0.67 0.02
CA ASN A 491 -0.35 -0.30 0.68
C ASN A 491 -0.80 1.03 0.07
N ILE A 492 -2.00 1.04 -0.49
CA ILE A 492 -2.47 2.20 -1.24
C ILE A 492 -3.56 2.91 -0.45
N SER A 493 -3.48 4.23 -0.39
CA SER A 493 -4.46 5.06 0.32
C SER A 493 -5.59 5.53 -0.59
N PRO A 494 -6.73 5.91 0.01
CA PRO A 494 -7.85 6.45 -0.76
C PRO A 494 -7.45 7.64 -1.63
N MET A 495 -7.95 7.63 -2.87
CA MET A 495 -7.81 8.73 -3.83
C MET A 495 -6.47 8.75 -4.55
N GLN A 496 -5.59 7.80 -4.23
CA GLN A 496 -4.35 7.66 -4.98
C GLN A 496 -4.64 6.98 -6.32
N GLU A 497 -4.08 7.50 -7.41
CA GLU A 497 -4.30 6.85 -8.70
C GLU A 497 -3.64 5.48 -8.70
N LEU A 498 -4.31 4.49 -9.27
CA LEU A 498 -3.70 3.17 -9.43
C LEU A 498 -2.93 3.12 -10.74
N THR A 499 -1.69 2.60 -10.70
CA THR A 499 -0.86 2.57 -11.90
C THR A 499 0.00 1.30 -11.96
N TYR A 500 0.44 0.91 -13.15
CA TYR A 500 1.49 -0.10 -13.27
C TYR A 500 2.50 0.31 -14.34
N ASP A 501 3.65 -0.36 -14.39
CA ASP A 501 4.67 -0.06 -15.41
C ASP A 501 4.31 -0.81 -16.70
N TYR A 502 4.04 -0.09 -17.78
CA TYR A 502 3.68 -0.78 -19.04
C TYR A 502 4.85 -1.60 -19.59
N GLY A 503 6.07 -1.18 -19.24
CA GLY A 503 7.26 -1.94 -19.55
C GLY A 503 7.72 -1.87 -21.00
N TYR A 504 7.30 -0.82 -21.72
CA TYR A 504 7.78 -0.62 -23.08
C TYR A 504 9.26 -0.26 -23.08
N ALA A 505 10.01 -0.81 -24.03
CA ALA A 505 11.39 -0.38 -24.24
C ALA A 505 11.38 0.97 -24.96
N LEU A 506 12.39 1.79 -24.71
CA LEU A 506 12.50 3.04 -25.45
C LEU A 506 12.80 2.72 -26.91
N ASP A 507 12.20 3.51 -27.81
CA ASP A 507 12.40 3.37 -29.26
C ASP A 507 11.94 2.01 -29.81
N SER A 508 11.00 1.36 -29.13
CA SER A 508 10.44 0.10 -29.64
C SER A 508 9.42 0.36 -30.74
N VAL A 509 8.85 1.55 -30.73
CA VAL A 509 7.71 1.85 -31.60
C VAL A 509 8.13 2.69 -32.80
N HIS A 510 7.82 2.20 -33.99
CA HIS A 510 8.11 2.91 -35.22
C HIS A 510 6.81 3.31 -35.91
N GLY A 511 6.71 4.58 -36.29
CA GLY A 511 5.59 5.04 -37.07
C GLY A 511 5.65 4.47 -38.48
N PRO A 512 4.52 4.45 -39.18
CA PRO A 512 4.45 3.90 -40.55
C PRO A 512 5.11 4.83 -41.57
N ASP A 513 6.39 5.13 -41.41
CA ASP A 513 7.07 6.03 -42.34
C ASP A 513 8.59 5.95 -42.18
N GLY A 514 9.20 7.08 -41.84
CA GLY A 514 10.62 7.13 -41.52
C GLY A 514 10.83 7.85 -40.20
N LYS A 515 10.22 7.33 -39.14
CA LYS A 515 10.32 7.93 -37.82
C LYS A 515 10.19 6.91 -36.68
N VAL A 516 11.08 7.00 -35.70
CA VAL A 516 10.83 6.34 -34.44
C VAL A 516 9.68 7.13 -33.82
N LYS A 517 8.68 6.42 -33.30
CA LYS A 517 7.52 7.07 -32.73
C LYS A 517 7.64 7.19 -31.21
N GLN A 518 7.56 8.42 -30.72
CA GLN A 518 7.75 8.70 -29.30
C GLN A 518 6.43 9.06 -28.60
N LEU A 519 6.29 8.68 -27.34
CA LEU A 519 5.10 9.02 -26.55
C LEU A 519 5.52 9.52 -25.17
N ALA A 520 5.17 10.76 -24.85
CA ALA A 520 5.57 11.38 -23.59
C ALA A 520 4.88 10.75 -22.37
N CYS A 521 5.61 10.60 -21.28
CA CYS A 521 5.02 10.13 -20.03
C CYS A 521 4.66 11.30 -19.13
N TYR A 522 3.46 11.25 -18.55
CA TYR A 522 3.02 12.29 -17.64
C TYR A 522 2.76 11.75 -16.23
N CYS A 523 3.46 10.67 -15.85
CA CYS A 523 3.14 10.02 -14.58
C CYS A 523 3.48 10.89 -13.38
N GLY A 524 4.32 11.91 -13.60
CA GLY A 524 4.64 12.88 -12.58
C GLY A 524 5.61 12.37 -11.52
N ALA A 525 6.18 11.20 -11.76
CA ALA A 525 7.08 10.58 -10.80
C ALA A 525 8.35 11.39 -10.69
N LEU A 526 9.07 11.21 -9.59
CA LEU A 526 10.35 11.89 -9.43
C LEU A 526 11.35 11.38 -10.46
N ASN A 527 11.40 10.08 -10.68
CA ASN A 527 12.33 9.50 -11.65
C ASN A 527 11.71 9.17 -13.02
N CYS A 528 10.84 10.05 -13.50
CA CYS A 528 9.96 9.74 -14.64
C CYS A 528 10.57 9.24 -15.97
N ARG A 529 11.80 9.58 -16.31
CA ARG A 529 12.36 9.13 -17.62
C ARG A 529 11.63 9.70 -18.86
N LYS A 530 10.37 10.10 -18.69
CA LYS A 530 9.66 11.02 -19.62
C LYS A 530 9.03 10.42 -20.89
N ARG A 531 9.11 9.11 -21.06
CA ARG A 531 8.55 8.47 -22.25
C ARG A 531 7.91 7.13 -21.91
N LEU A 532 6.70 6.88 -22.40
CA LEU A 532 6.11 5.54 -22.29
C LEU A 532 6.93 4.67 -23.22
N TYR A 533 7.28 5.26 -24.36
CA TYR A 533 8.18 4.63 -25.31
C TYR A 533 8.78 5.70 -26.24
#